data_3A2B
#
_entry.id   3A2B
#
_cell.length_a   61.670
_cell.length_b   61.670
_cell.length_c   207.760
_cell.angle_alpha   90.00
_cell.angle_beta   90.00
_cell.angle_gamma   90.00
#
_symmetry.space_group_name_H-M   'P 41 21 2'
#
loop_
_entity.id
_entity.type
_entity.pdbx_description
1 polymer 'Serine palmitoyltransferase'
2 non-polymer SERINE
3 non-polymer "PYRIDOXAL-5'-PHOSPHATE"
4 water water
#
_entity_poly.entity_id   1
_entity_poly.type   'polypeptide(L)'
_entity_poly.pdbx_seq_one_letter_code
;SKGKLGEKISQFKIVEELKAKGLYAYFRPIQSKQDTEVKIDGRRVLMFGSNSYLGLTTDTRIIKAAQDALEKYGTGCAGS
RFLNGTLDIHVELEEKLSAYVGKEAAILFSTGFQSNLGPLSCLMGRNDYILLDERDHASIIDGSRLSFSKVIKYGHNNME
DLRAKLSRLPEDSAKLICTDGIFSMEGDIVNLPELTSIANEFDAAVMVDDAHSLGVIGHKGAGTASHFGLNDDVDLIMGT
FSKSLASLGGFVAGDADVIDFLKHNARSVMFSASMTPASVASTLKALEIIQNEPEHIEKLWKNTDYAKAQLLDHGFDLGA
TESPILPIFIRSNEKTFWVTKMLQDDGVFVNPVVSPAVPAEESLIRFSLMATHTYDQIDEAIEKMVKVFKQAEVETLI
;
_entity_poly.pdbx_strand_id   A
#
# COMPACT_ATOMS: atom_id res chain seq x y z
N SER A 1 22.34 -26.17 -13.33
CA SER A 1 22.82 -27.17 -12.32
C SER A 1 22.28 -26.79 -10.94
N LYS A 2 21.77 -27.77 -10.21
CA LYS A 2 21.16 -27.54 -8.89
C LYS A 2 21.99 -27.78 -7.62
N GLY A 3 23.27 -28.12 -7.78
CA GLY A 3 24.12 -28.37 -6.63
C GLY A 3 24.11 -27.29 -5.56
N LYS A 4 24.85 -26.22 -5.78
CA LYS A 4 24.94 -25.10 -4.85
C LYS A 4 23.61 -24.39 -4.60
N LEU A 5 22.71 -24.45 -5.58
CA LEU A 5 21.40 -23.82 -5.44
C LEU A 5 20.59 -24.54 -4.37
N GLY A 6 20.69 -25.87 -4.36
CA GLY A 6 19.98 -26.68 -3.38
C GLY A 6 20.39 -26.34 -1.96
N GLU A 7 21.66 -25.99 -1.77
CA GLU A 7 22.19 -25.63 -0.47
C GLU A 7 21.63 -24.29 0.04
N LYS A 8 21.47 -23.34 -0.87
CA LYS A 8 20.96 -22.02 -0.49
C LYS A 8 19.51 -21.99 0.00
N ILE A 9 18.69 -22.94 -0.47
CA ILE A 9 17.28 -23.01 -0.08
C ILE A 9 17.01 -24.10 0.96
N SER A 10 17.99 -24.97 1.20
CA SER A 10 17.85 -26.07 2.14
C SER A 10 17.57 -25.62 3.57
N GLN A 11 18.04 -24.43 3.92
CA GLN A 11 17.85 -23.86 5.26
C GLN A 11 16.44 -23.35 5.55
N PHE A 12 15.69 -23.04 4.49
CA PHE A 12 14.32 -22.53 4.60
C PHE A 12 13.30 -23.65 4.84
N LYS A 13 12.93 -23.86 6.10
CA LYS A 13 11.97 -24.90 6.44
C LYS A 13 10.69 -24.47 7.16
N ILE A 14 10.53 -23.17 7.38
CA ILE A 14 9.34 -22.64 8.06
C ILE A 14 8.02 -22.99 7.36
N VAL A 15 8.00 -22.94 6.03
CA VAL A 15 6.77 -23.25 5.29
C VAL A 15 6.46 -24.74 5.41
N GLU A 16 7.52 -25.54 5.38
CA GLU A 16 7.46 -26.99 5.49
C GLU A 16 6.85 -27.39 6.84
N GLU A 17 7.32 -26.77 7.91
CA GLU A 17 6.83 -27.06 9.25
C GLU A 17 5.43 -26.52 9.48
N LEU A 18 5.12 -25.37 8.87
CA LEU A 18 3.82 -24.75 8.99
C LEU A 18 2.76 -25.66 8.37
N LYS A 19 3.08 -26.23 7.20
CA LYS A 19 2.16 -27.13 6.51
C LYS A 19 1.99 -28.44 7.26
N ALA A 20 3.10 -29.04 7.69
CA ALA A 20 3.07 -30.30 8.42
C ALA A 20 2.22 -30.19 9.71
N LYS A 21 2.32 -29.06 10.40
CA LYS A 21 1.56 -28.83 11.62
C LYS A 21 0.11 -28.45 11.32
N GLY A 22 -0.22 -28.26 10.05
CA GLY A 22 -1.57 -27.90 9.67
C GLY A 22 -1.89 -26.44 9.98
N LEU A 23 -0.85 -25.62 10.11
CA LEU A 23 -1.01 -24.19 10.41
C LEU A 23 -0.92 -23.25 9.21
N TYR A 24 -0.41 -23.75 8.08
CA TYR A 24 -0.23 -22.94 6.87
C TYR A 24 -1.48 -22.21 6.37
N ALA A 25 -1.36 -20.89 6.23
CA ALA A 25 -2.47 -20.06 5.76
C ALA A 25 -2.07 -18.98 4.73
N TYR A 26 -0.97 -19.21 4.01
CA TYR A 26 -0.54 -18.26 2.98
C TYR A 26 -1.10 -18.73 1.63
N PHE A 27 -1.19 -17.82 0.67
CA PHE A 27 -1.69 -18.13 -0.68
C PHE A 27 -3.04 -18.86 -0.72
N ARG A 28 -3.92 -18.57 0.26
CA ARG A 28 -5.24 -19.21 0.28
C ARG A 28 -5.97 -18.99 -1.05
N PRO A 29 -6.47 -20.08 -1.66
CA PRO A 29 -7.19 -20.04 -2.94
C PRO A 29 -8.63 -19.55 -2.83
N ILE A 30 -8.84 -18.27 -3.10
CA ILE A 30 -10.18 -17.72 -3.05
C ILE A 30 -10.84 -18.08 -4.38
N GLN A 31 -12.11 -18.47 -4.32
CA GLN A 31 -12.86 -18.88 -5.49
C GLN A 31 -13.91 -17.89 -5.95
N SER A 32 -13.95 -16.74 -5.30
CA SER A 32 -14.92 -15.72 -5.64
C SER A 32 -14.31 -14.34 -5.59
N LYS A 33 -15.08 -13.35 -6.04
CA LYS A 33 -14.63 -11.97 -6.06
C LYS A 33 -14.21 -11.46 -4.68
N GLN A 34 -13.20 -10.60 -4.64
CA GLN A 34 -12.75 -10.01 -3.39
C GLN A 34 -13.95 -9.20 -2.88
N ASP A 35 -14.45 -9.54 -1.70
CA ASP A 35 -15.61 -8.87 -1.10
C ASP A 35 -15.52 -9.02 0.41
N THR A 36 -16.53 -8.53 1.15
CA THR A 36 -16.55 -8.63 2.60
C THR A 36 -16.63 -10.09 3.03
N GLU A 37 -17.06 -10.93 2.10
CA GLU A 37 -17.16 -12.36 2.31
C GLU A 37 -16.59 -13.05 1.06
N VAL A 38 -15.74 -14.05 1.26
CA VAL A 38 -15.14 -14.76 0.13
C VAL A 38 -15.27 -16.27 0.28
N LYS A 39 -15.41 -16.97 -0.83
CA LYS A 39 -15.54 -18.41 -0.83
C LYS A 39 -14.16 -19.09 -0.92
N ILE A 40 -13.85 -19.91 0.07
CA ILE A 40 -12.59 -20.66 0.13
C ILE A 40 -12.99 -22.12 0.40
N ASP A 41 -12.66 -23.01 -0.52
CA ASP A 41 -12.99 -24.43 -0.39
C ASP A 41 -14.51 -24.69 -0.31
N GLY A 42 -15.27 -23.87 -1.02
CA GLY A 42 -16.72 -24.00 -1.03
C GLY A 42 -17.43 -23.30 0.11
N ARG A 43 -16.69 -22.96 1.17
CA ARG A 43 -17.26 -22.28 2.32
C ARG A 43 -17.03 -20.77 2.36
N ARG A 44 -17.94 -20.07 3.02
CA ARG A 44 -17.87 -18.61 3.15
C ARG A 44 -16.95 -18.19 4.29
N VAL A 45 -16.15 -17.16 4.04
CA VAL A 45 -15.20 -16.65 5.03
C VAL A 45 -15.24 -15.12 5.06
N LEU A 46 -15.34 -14.55 6.26
CA LEU A 46 -15.36 -13.10 6.42
C LEU A 46 -13.98 -12.57 6.09
N MET A 47 -13.93 -11.57 5.21
CA MET A 47 -12.68 -10.97 4.77
C MET A 47 -12.27 -9.70 5.51
N PHE A 48 -11.31 -9.82 6.42
CA PHE A 48 -10.81 -8.66 7.15
C PHE A 48 -9.31 -8.52 6.94
N GLY A 49 -8.86 -9.03 5.80
CA GLY A 49 -7.44 -8.94 5.47
C GLY A 49 -7.26 -8.39 4.07
N SER A 50 -8.15 -7.48 3.66
CA SER A 50 -8.10 -6.88 2.33
C SER A 50 -7.55 -5.45 2.31
N ASN A 51 -7.21 -4.97 1.12
CA ASN A 51 -6.73 -3.60 0.97
C ASN A 51 -7.79 -2.78 0.21
N SER A 52 -8.89 -3.44 -0.15
CA SER A 52 -9.99 -2.80 -0.88
C SER A 52 -10.84 -1.99 0.09
N TYR A 53 -10.22 -0.94 0.64
CA TYR A 53 -10.83 -0.06 1.63
C TYR A 53 -12.24 0.43 1.35
N LEU A 54 -12.54 0.69 0.09
CA LEU A 54 -13.86 1.16 -0.28
C LEU A 54 -14.74 0.06 -0.86
N GLY A 55 -14.23 -1.17 -0.83
CA GLY A 55 -14.97 -2.33 -1.35
C GLY A 55 -15.47 -2.19 -2.78
N LEU A 56 -14.76 -1.42 -3.59
CA LEU A 56 -15.15 -1.15 -4.98
C LEU A 56 -14.89 -2.20 -6.06
N THR A 57 -14.13 -3.25 -5.76
CA THR A 57 -13.82 -4.27 -6.78
C THR A 57 -15.07 -4.96 -7.33
N THR A 58 -16.17 -4.92 -6.58
CA THR A 58 -17.42 -5.56 -6.99
C THR A 58 -18.45 -4.60 -7.60
N ASP A 59 -18.15 -3.30 -7.56
CA ASP A 59 -19.04 -2.28 -8.11
C ASP A 59 -19.31 -2.59 -9.60
N THR A 60 -20.56 -2.88 -9.92
CA THR A 60 -20.98 -3.22 -11.29
C THR A 60 -20.61 -2.20 -12.36
N ARG A 61 -20.53 -0.93 -11.97
CA ARG A 61 -20.17 0.15 -12.88
C ARG A 61 -18.68 0.11 -13.22
N ILE A 62 -17.85 -0.18 -12.21
CA ILE A 62 -16.41 -0.26 -12.42
C ILE A 62 -16.11 -1.51 -13.27
N ILE A 63 -16.87 -2.57 -13.00
CA ILE A 63 -16.73 -3.82 -13.75
C ILE A 63 -17.15 -3.59 -15.21
N LYS A 64 -18.22 -2.82 -15.42
CA LYS A 64 -18.73 -2.53 -16.76
C LYS A 64 -17.73 -1.74 -17.60
N ALA A 65 -17.17 -0.69 -17.02
CA ALA A 65 -16.18 0.14 -17.71
C ALA A 65 -14.96 -0.67 -18.13
N ALA A 66 -14.56 -1.62 -17.28
CA ALA A 66 -13.42 -2.48 -17.57
C ALA A 66 -13.75 -3.37 -18.76
N GLN A 67 -14.96 -3.91 -18.76
CA GLN A 67 -15.42 -4.79 -19.84
C GLN A 67 -15.54 -4.02 -21.14
N ASP A 68 -15.95 -2.75 -21.06
CA ASP A 68 -16.08 -1.90 -22.24
C ASP A 68 -14.69 -1.59 -22.79
N ALA A 69 -13.75 -1.32 -21.89
CA ALA A 69 -12.37 -1.03 -22.27
C ALA A 69 -11.80 -2.19 -23.09
N LEU A 70 -12.01 -3.41 -22.60
CA LEU A 70 -11.54 -4.63 -23.28
C LEU A 70 -12.16 -4.78 -24.66
N GLU A 71 -13.43 -4.42 -24.78
CA GLU A 71 -14.17 -4.51 -26.04
C GLU A 71 -13.59 -3.55 -27.08
N LYS A 72 -13.17 -2.36 -26.64
CA LYS A 72 -12.63 -1.36 -27.53
C LYS A 72 -11.12 -1.47 -27.77
N TYR A 73 -10.36 -1.68 -26.70
CA TYR A 73 -8.90 -1.73 -26.77
C TYR A 73 -8.23 -3.10 -26.72
N GLY A 74 -8.96 -4.16 -26.43
CA GLY A 74 -8.32 -5.47 -26.39
C GLY A 74 -7.77 -5.82 -25.01
N THR A 75 -7.04 -6.93 -24.94
CA THR A 75 -6.50 -7.42 -23.68
C THR A 75 -5.19 -6.83 -23.17
N GLY A 76 -4.49 -6.08 -24.02
CA GLY A 76 -3.24 -5.48 -23.61
C GLY A 76 -2.64 -4.60 -24.68
N CYS A 77 -1.65 -3.80 -24.29
CA CYS A 77 -1.01 -2.89 -25.22
C CYS A 77 0.26 -3.45 -25.87
N ALA A 78 0.75 -4.58 -25.35
CA ALA A 78 1.94 -5.25 -25.87
C ALA A 78 3.19 -4.38 -26.03
N GLY A 79 3.46 -3.57 -25.03
CA GLY A 79 4.62 -2.70 -25.08
C GLY A 79 4.64 -1.71 -23.94
N SER A 80 5.81 -1.13 -23.67
CA SER A 80 5.96 -0.15 -22.61
C SER A 80 5.34 1.17 -23.06
N ARG A 81 5.05 2.05 -22.10
CA ARG A 81 4.49 3.37 -22.37
C ARG A 81 5.45 4.14 -23.29
N PHE A 82 6.74 3.95 -23.06
CA PHE A 82 7.83 4.59 -23.80
C PHE A 82 7.63 4.45 -25.32
N LEU A 83 7.34 3.23 -25.76
CA LEU A 83 7.15 2.94 -27.18
C LEU A 83 5.71 2.86 -27.69
N ASN A 84 5.22 1.64 -27.88
CA ASN A 84 3.88 1.39 -28.41
C ASN A 84 2.76 1.15 -27.40
N GLY A 85 3.08 1.24 -26.11
CA GLY A 85 2.09 0.98 -25.08
C GLY A 85 1.21 2.10 -24.55
N THR A 86 1.30 3.30 -25.13
CA THR A 86 0.47 4.40 -24.64
C THR A 86 -0.86 4.49 -25.37
N LEU A 87 -1.93 4.67 -24.59
CA LEU A 87 -3.28 4.82 -25.13
C LEU A 87 -3.79 6.17 -24.64
N ASP A 88 -4.78 6.72 -25.34
CA ASP A 88 -5.34 7.99 -24.92
C ASP A 88 -5.87 7.89 -23.49
N ILE A 89 -6.43 6.72 -23.13
CA ILE A 89 -6.95 6.55 -21.78
C ILE A 89 -5.87 6.59 -20.69
N HIS A 90 -4.63 6.19 -21.02
CA HIS A 90 -3.54 6.26 -20.05
C HIS A 90 -3.31 7.75 -19.77
N VAL A 91 -3.19 8.53 -20.85
CA VAL A 91 -2.98 9.97 -20.76
C VAL A 91 -4.11 10.66 -19.97
N GLU A 92 -5.35 10.24 -20.22
CA GLU A 92 -6.51 10.78 -19.53
C GLU A 92 -6.44 10.52 -18.02
N LEU A 93 -6.05 9.29 -17.66
CA LEU A 93 -5.93 8.91 -16.25
C LEU A 93 -4.85 9.77 -15.59
N GLU A 94 -3.74 9.97 -16.28
CA GLU A 94 -2.65 10.78 -15.75
C GLU A 94 -3.08 12.21 -15.45
N GLU A 95 -3.88 12.81 -16.33
CA GLU A 95 -4.32 14.18 -16.08
C GLU A 95 -5.40 14.25 -15.00
N LYS A 96 -6.24 13.21 -14.92
CA LYS A 96 -7.28 13.17 -13.90
C LYS A 96 -6.65 13.02 -12.51
N LEU A 97 -5.62 12.17 -12.42
CA LEU A 97 -4.91 11.94 -11.17
C LEU A 97 -4.14 13.18 -10.75
N SER A 98 -3.59 13.88 -11.74
CA SER A 98 -2.82 15.11 -11.51
C SER A 98 -3.72 16.16 -10.83
N ALA A 99 -4.93 16.30 -11.36
CA ALA A 99 -5.91 17.24 -10.83
C ALA A 99 -6.36 16.80 -9.44
N TYR A 100 -6.46 15.48 -9.24
CA TYR A 100 -6.88 14.90 -7.97
C TYR A 100 -5.94 15.26 -6.82
N VAL A 101 -4.65 15.00 -6.99
CA VAL A 101 -3.65 15.29 -5.96
C VAL A 101 -3.08 16.70 -6.03
N GLY A 102 -3.59 17.51 -6.96
CA GLY A 102 -3.15 18.88 -7.11
C GLY A 102 -1.72 19.09 -7.57
N LYS A 103 -1.33 18.37 -8.61
CA LYS A 103 0.00 18.48 -9.18
C LYS A 103 -0.07 18.71 -10.68
N GLU A 104 1.03 19.20 -11.25
CA GLU A 104 1.07 19.48 -12.69
C GLU A 104 0.96 18.28 -13.61
N ALA A 105 1.74 17.24 -13.38
CA ALA A 105 1.72 16.05 -14.23
C ALA A 105 1.81 14.73 -13.48
N ALA A 106 1.64 13.63 -14.21
CA ALA A 106 1.70 12.29 -13.63
C ALA A 106 2.08 11.24 -14.64
N ILE A 107 2.74 10.19 -14.15
CA ILE A 107 3.15 9.06 -14.98
C ILE A 107 2.74 7.76 -14.29
N LEU A 108 2.00 6.93 -15.03
CA LEU A 108 1.54 5.64 -14.53
C LEU A 108 2.63 4.58 -14.67
N PHE A 109 2.50 3.53 -13.87
CA PHE A 109 3.42 2.38 -13.86
C PHE A 109 2.50 1.16 -13.85
N SER A 110 3.00 0.00 -14.27
CA SER A 110 2.20 -1.22 -14.34
C SER A 110 1.69 -1.70 -12.98
N THR A 111 2.46 -1.40 -11.93
CA THR A 111 2.10 -1.78 -10.56
C THR A 111 2.52 -0.66 -9.60
N GLY A 112 1.98 -0.69 -8.39
CA GLY A 112 2.36 0.29 -7.40
C GLY A 112 3.81 0.07 -7.01
N PHE A 113 4.23 -1.19 -7.00
CA PHE A 113 5.61 -1.56 -6.67
C PHE A 113 6.60 -0.85 -7.59
N GLN A 114 6.34 -0.91 -8.89
CA GLN A 114 7.19 -0.26 -9.88
C GLN A 114 7.08 1.25 -9.86
N SER A 115 6.01 1.76 -9.23
CA SER A 115 5.81 3.19 -9.10
C SER A 115 6.85 3.78 -8.16
N ASN A 116 7.31 2.99 -7.19
CA ASN A 116 8.33 3.45 -6.24
C ASN A 116 9.71 3.24 -6.85
N LEU A 117 9.87 2.13 -7.57
CA LEU A 117 11.14 1.79 -8.20
C LEU A 117 11.66 2.89 -9.14
N GLY A 118 10.73 3.49 -9.90
CA GLY A 118 11.11 4.53 -10.85
C GLY A 118 11.80 5.77 -10.31
N PRO A 119 11.10 6.61 -9.53
CA PRO A 119 11.71 7.84 -8.97
C PRO A 119 12.88 7.60 -8.03
N LEU A 120 12.78 6.55 -7.22
CA LEU A 120 13.84 6.25 -6.26
C LEU A 120 15.13 5.76 -6.93
N SER A 121 15.02 5.19 -8.12
CA SER A 121 16.19 4.67 -8.82
C SER A 121 16.95 5.67 -9.69
N CYS A 122 16.27 6.68 -10.23
CA CYS A 122 16.92 7.60 -11.15
C CYS A 122 17.06 9.09 -10.79
N LEU A 123 16.42 9.54 -9.71
CA LEU A 123 16.51 10.93 -9.33
C LEU A 123 17.83 11.26 -8.61
N MET A 124 18.11 10.55 -7.52
CA MET A 124 19.34 10.76 -6.75
C MET A 124 20.48 9.90 -7.29
N GLY A 125 21.58 10.56 -7.66
CA GLY A 125 22.73 9.87 -8.21
C GLY A 125 23.89 9.55 -7.28
N ARG A 126 25.05 9.30 -7.88
CA ARG A 126 26.29 8.93 -7.19
C ARG A 126 26.64 9.61 -5.87
N ASN A 127 26.71 10.94 -5.85
CA ASN A 127 27.08 11.64 -4.61
C ASN A 127 25.88 12.18 -3.84
N ASP A 128 24.70 11.62 -4.10
CA ASP A 128 23.48 12.06 -3.44
C ASP A 128 23.03 11.10 -2.34
N TYR A 129 21.91 11.42 -1.67
CA TYR A 129 21.42 10.59 -0.57
C TYR A 129 19.90 10.44 -0.53
N ILE A 130 19.45 9.24 -0.14
CA ILE A 130 18.03 8.95 0.00
C ILE A 130 17.76 8.63 1.48
N LEU A 131 16.84 9.36 2.09
CA LEU A 131 16.48 9.18 3.49
C LEU A 131 15.16 8.41 3.59
N LEU A 132 15.23 7.24 4.21
CA LEU A 132 14.06 6.39 4.34
C LEU A 132 13.63 6.12 5.76
N ASP A 133 12.32 6.13 5.98
CA ASP A 133 11.77 5.80 7.29
C ASP A 133 12.01 4.29 7.39
N GLU A 134 12.61 3.85 8.49
CA GLU A 134 12.93 2.43 8.67
C GLU A 134 11.77 1.46 8.41
N ARG A 135 10.53 1.94 8.51
CA ARG A 135 9.36 1.08 8.25
C ARG A 135 8.76 1.24 6.86
N ASP A 136 9.47 1.94 5.97
CA ASP A 136 8.98 2.15 4.60
C ASP A 136 8.67 0.82 3.93
N HIS A 137 7.71 0.83 3.02
CA HIS A 137 7.34 -0.39 2.29
C HIS A 137 8.56 -0.97 1.57
N ALA A 138 8.55 -2.28 1.37
CA ALA A 138 9.66 -2.97 0.70
C ALA A 138 10.00 -2.38 -0.67
N SER A 139 8.99 -1.97 -1.43
CA SER A 139 9.20 -1.40 -2.76
C SER A 139 10.05 -0.13 -2.69
N ILE A 140 9.95 0.58 -1.58
CA ILE A 140 10.72 1.80 -1.36
C ILE A 140 12.18 1.46 -1.04
N ILE A 141 12.40 0.42 -0.24
CA ILE A 141 13.76 0.00 0.09
C ILE A 141 14.43 -0.46 -1.20
N ASP A 142 13.72 -1.28 -1.98
CA ASP A 142 14.25 -1.80 -3.23
C ASP A 142 14.53 -0.70 -4.24
N GLY A 143 13.60 0.23 -4.38
CA GLY A 143 13.78 1.34 -5.31
C GLY A 143 15.03 2.14 -5.00
N SER A 144 15.24 2.39 -3.71
CA SER A 144 16.42 3.13 -3.23
C SER A 144 17.69 2.31 -3.48
N ARG A 145 17.57 1.00 -3.36
CA ARG A 145 18.69 0.10 -3.59
C ARG A 145 19.06 0.10 -5.09
N LEU A 146 18.08 0.42 -5.95
CA LEU A 146 18.33 0.47 -7.39
C LEU A 146 19.07 1.75 -7.80
N SER A 147 19.05 2.76 -6.94
CA SER A 147 19.75 4.01 -7.25
C SER A 147 21.24 3.80 -7.04
N PHE A 148 22.03 4.79 -7.43
CA PHE A 148 23.47 4.72 -7.25
C PHE A 148 23.88 5.70 -6.14
N SER A 149 22.88 6.12 -5.35
CA SER A 149 23.08 7.03 -4.24
C SER A 149 23.25 6.26 -2.93
N LYS A 150 23.59 6.98 -1.86
CA LYS A 150 23.78 6.41 -0.53
C LYS A 150 22.44 6.42 0.20
N VAL A 151 21.95 5.23 0.55
CA VAL A 151 20.67 5.11 1.25
C VAL A 151 20.86 5.11 2.76
N ILE A 152 20.19 6.05 3.42
CA ILE A 152 20.25 6.20 4.88
C ILE A 152 18.87 6.04 5.50
N LYS A 153 18.76 5.10 6.44
CA LYS A 153 17.50 4.86 7.12
C LYS A 153 17.48 5.64 8.45
N TYR A 154 16.31 6.16 8.80
CA TYR A 154 16.16 6.89 10.07
C TYR A 154 15.03 6.29 10.90
N GLY A 155 15.11 6.50 12.22
CA GLY A 155 14.11 5.95 13.13
C GLY A 155 12.69 6.23 12.68
N HIS A 156 11.80 5.28 12.93
CA HIS A 156 10.40 5.42 12.53
C HIS A 156 9.77 6.67 13.12
N ASN A 157 9.25 7.52 12.24
CA ASN A 157 8.61 8.78 12.62
C ASN A 157 9.44 9.60 13.63
N ASN A 158 10.75 9.36 13.63
CA ASN A 158 11.68 10.06 14.52
C ASN A 158 12.27 11.23 13.77
N MET A 159 11.71 12.42 14.01
CA MET A 159 12.17 13.63 13.36
C MET A 159 13.56 14.08 13.83
N GLU A 160 13.90 13.83 15.10
CA GLU A 160 15.22 14.21 15.61
C GLU A 160 16.29 13.43 14.88
N ASP A 161 16.02 12.14 14.64
CA ASP A 161 16.97 11.29 13.95
C ASP A 161 17.05 11.69 12.48
N LEU A 162 15.95 12.19 11.92
CA LEU A 162 15.92 12.62 10.53
C LEU A 162 16.80 13.86 10.36
N ARG A 163 16.52 14.89 11.17
CA ARG A 163 17.28 16.12 11.14
C ARG A 163 18.76 15.87 11.42
N ALA A 164 19.03 14.99 12.38
CA ALA A 164 20.40 14.64 12.76
C ALA A 164 21.18 14.02 11.62
N LYS A 165 20.58 13.04 10.94
CA LYS A 165 21.23 12.37 9.84
C LYS A 165 21.38 13.27 8.60
N LEU A 166 20.43 14.17 8.42
CA LEU A 166 20.45 15.12 7.31
C LEU A 166 21.55 16.16 7.48
N SER A 167 21.75 16.62 8.72
CA SER A 167 22.75 17.63 9.04
C SER A 167 24.21 17.19 8.89
N ARG A 168 24.44 15.88 8.84
CA ARG A 168 25.78 15.31 8.69
C ARG A 168 26.19 15.27 7.22
N LEU A 169 25.21 15.38 6.32
CA LEU A 169 25.45 15.32 4.88
C LEU A 169 25.99 16.63 4.31
N PRO A 170 26.92 16.53 3.33
CA PRO A 170 27.54 17.67 2.66
C PRO A 170 26.52 18.63 2.06
N GLU A 171 26.82 19.93 2.11
CA GLU A 171 25.96 20.96 1.56
C GLU A 171 25.69 20.70 0.08
N ASP A 172 26.77 20.55 -0.69
CA ASP A 172 26.67 20.30 -2.12
C ASP A 172 26.45 18.83 -2.49
N SER A 173 25.19 18.43 -2.37
CA SER A 173 24.74 17.08 -2.69
C SER A 173 23.23 17.10 -2.53
N ALA A 174 22.52 16.34 -3.36
CA ALA A 174 21.06 16.28 -3.31
C ALA A 174 20.59 15.23 -2.32
N LYS A 175 19.43 15.46 -1.73
CA LYS A 175 18.85 14.54 -0.77
C LYS A 175 17.38 14.36 -1.14
N LEU A 176 16.87 13.15 -0.90
CA LEU A 176 15.47 12.85 -1.17
C LEU A 176 14.93 12.04 0.02
N ILE A 177 13.92 12.59 0.68
CA ILE A 177 13.30 11.91 1.80
C ILE A 177 12.07 11.18 1.24
N CYS A 178 11.97 9.88 1.48
CA CYS A 178 10.82 9.11 1.01
C CYS A 178 10.14 8.41 2.18
N THR A 179 8.83 8.57 2.28
CA THR A 179 8.07 7.97 3.36
C THR A 179 6.69 7.49 2.96
N ASP A 180 6.20 6.47 3.66
CA ASP A 180 4.86 5.95 3.46
C ASP A 180 3.98 7.06 4.04
N GLY A 181 2.77 7.23 3.52
CA GLY A 181 1.87 8.24 4.06
C GLY A 181 1.32 7.56 5.31
N ILE A 182 0.54 6.52 5.08
CA ILE A 182 0.00 5.68 6.16
C ILE A 182 0.83 4.40 6.04
N PHE A 183 1.47 4.03 7.14
CA PHE A 183 2.30 2.82 7.17
C PHE A 183 1.41 1.57 7.30
N SER A 184 1.63 0.60 6.43
CA SER A 184 0.84 -0.64 6.40
C SER A 184 0.87 -1.54 7.63
N MET A 185 2.01 -1.61 8.32
CA MET A 185 2.13 -2.47 9.49
C MET A 185 1.27 -2.04 10.69
N GLU A 186 1.57 -0.89 11.27
CA GLU A 186 0.81 -0.41 12.44
C GLU A 186 -0.34 0.55 12.09
N GLY A 187 -0.46 0.89 10.81
CA GLY A 187 -1.53 1.78 10.36
C GLY A 187 -1.45 3.22 10.81
N ASP A 188 -0.26 3.65 11.23
CA ASP A 188 -0.04 5.02 11.68
C ASP A 188 0.26 5.99 10.52
N ILE A 189 0.22 7.28 10.80
CA ILE A 189 0.47 8.31 9.80
C ILE A 189 1.80 8.99 10.02
N VAL A 190 2.51 9.27 8.91
CA VAL A 190 3.79 9.95 8.96
C VAL A 190 3.59 11.37 9.48
N ASN A 191 4.57 11.88 10.22
CA ASN A 191 4.53 13.24 10.75
C ASN A 191 4.99 14.18 9.62
N LEU A 192 4.13 14.31 8.60
CA LEU A 192 4.45 15.15 7.44
C LEU A 192 4.83 16.61 7.77
N PRO A 193 4.06 17.29 8.66
CA PRO A 193 4.37 18.68 9.01
C PRO A 193 5.82 18.91 9.41
N GLU A 194 6.32 18.09 10.34
CA GLU A 194 7.70 18.22 10.81
C GLU A 194 8.73 17.71 9.80
N LEU A 195 8.38 16.66 9.07
CA LEU A 195 9.27 16.11 8.07
C LEU A 195 9.51 17.15 6.98
N THR A 196 8.44 17.79 6.50
CA THR A 196 8.57 18.80 5.46
C THR A 196 9.31 20.05 5.96
N SER A 197 9.13 20.39 7.23
CA SER A 197 9.82 21.55 7.81
C SER A 197 11.31 21.29 7.79
N ILE A 198 11.69 20.06 8.14
CA ILE A 198 13.10 19.65 8.15
C ILE A 198 13.62 19.59 6.72
N ALA A 199 12.78 19.11 5.81
CA ALA A 199 13.11 18.98 4.40
C ALA A 199 13.46 20.30 3.73
N ASN A 200 12.52 21.25 3.73
CA ASN A 200 12.80 22.53 3.09
C ASN A 200 13.79 23.41 3.85
N GLU A 201 14.26 22.91 4.98
CA GLU A 201 15.26 23.60 5.80
C GLU A 201 16.61 23.18 5.23
N PHE A 202 16.72 21.92 4.83
CA PHE A 202 17.94 21.37 4.25
C PHE A 202 17.87 21.28 2.72
N ASP A 203 16.76 21.72 2.16
CA ASP A 203 16.51 21.69 0.71
C ASP A 203 16.48 20.25 0.16
N ALA A 204 15.80 19.37 0.88
CA ALA A 204 15.70 17.98 0.45
C ALA A 204 14.35 17.75 -0.21
N ALA A 205 14.36 16.94 -1.27
CA ALA A 205 13.14 16.61 -1.99
C ALA A 205 12.31 15.67 -1.12
N VAL A 206 11.00 15.77 -1.21
CA VAL A 206 10.10 14.93 -0.43
C VAL A 206 9.18 14.10 -1.30
N MET A 207 9.14 12.80 -1.04
CA MET A 207 8.27 11.90 -1.77
C MET A 207 7.45 11.12 -0.74
N VAL A 208 6.15 11.05 -0.99
CA VAL A 208 5.25 10.33 -0.09
C VAL A 208 4.52 9.21 -0.83
N ASP A 209 4.56 8.01 -0.26
CA ASP A 209 3.89 6.83 -0.83
C ASP A 209 2.49 6.73 -0.19
N ASP A 210 1.46 7.10 -0.95
CA ASP A 210 0.08 7.07 -0.48
C ASP A 210 -0.75 5.84 -0.82
N ALA A 211 -0.11 4.67 -0.96
CA ALA A 211 -0.81 3.43 -1.27
C ALA A 211 -2.05 3.22 -0.40
N HIS A 212 -1.88 3.43 0.91
CA HIS A 212 -2.96 3.27 1.87
C HIS A 212 -3.68 4.57 2.25
N SER A 213 -3.25 5.70 1.70
CA SER A 213 -3.89 6.99 2.00
C SER A 213 -4.97 7.38 0.99
N LEU A 214 -4.73 7.10 -0.29
CA LEU A 214 -5.71 7.45 -1.31
C LEU A 214 -7.05 6.74 -1.10
N GLY A 215 -8.12 7.53 -1.06
CA GLY A 215 -9.44 6.99 -0.83
C GLY A 215 -9.71 6.75 0.65
N VAL A 216 -8.77 7.15 1.50
CA VAL A 216 -8.89 6.97 2.95
C VAL A 216 -8.81 8.30 3.71
N ILE A 217 -7.68 9.01 3.57
CA ILE A 217 -7.52 10.32 4.21
C ILE A 217 -7.35 11.39 3.14
N GLY A 218 -7.45 12.65 3.55
CA GLY A 218 -7.33 13.76 2.62
C GLY A 218 -8.70 14.12 2.07
N HIS A 219 -8.87 15.36 1.63
CA HIS A 219 -10.16 15.78 1.08
C HIS A 219 -10.59 14.89 -0.08
N LYS A 220 -11.74 14.23 0.07
CA LYS A 220 -12.27 13.33 -0.95
C LYS A 220 -11.30 12.18 -1.27
N GLY A 221 -10.46 11.83 -0.31
CA GLY A 221 -9.49 10.74 -0.47
C GLY A 221 -8.20 11.09 -1.19
N ALA A 222 -7.95 12.38 -1.39
CA ALA A 222 -6.76 12.85 -2.09
C ALA A 222 -5.39 12.54 -1.48
N GLY A 223 -5.35 11.98 -0.28
CA GLY A 223 -4.08 11.63 0.31
C GLY A 223 -3.57 12.36 1.54
N THR A 224 -2.32 12.05 1.88
CA THR A 224 -1.63 12.59 3.05
C THR A 224 -1.28 14.08 2.97
N ALA A 225 -0.83 14.54 1.81
CA ALA A 225 -0.49 15.94 1.64
C ALA A 225 -1.79 16.74 1.81
N SER A 226 -2.86 16.24 1.18
CA SER A 226 -4.16 16.88 1.28
C SER A 226 -4.64 16.88 2.73
N HIS A 227 -4.39 15.77 3.43
CA HIS A 227 -4.77 15.61 4.83
C HIS A 227 -4.17 16.68 5.73
N PHE A 228 -2.89 16.99 5.50
CA PHE A 228 -2.17 18.00 6.27
C PHE A 228 -2.16 19.37 5.58
N GLY A 229 -2.69 19.42 4.36
CA GLY A 229 -2.72 20.66 3.61
C GLY A 229 -1.34 21.10 3.20
N LEU A 230 -0.42 20.13 3.08
CA LEU A 230 0.98 20.40 2.72
C LEU A 230 1.32 20.08 1.27
N ASN A 231 0.32 20.11 0.38
CA ASN A 231 0.50 19.83 -1.05
C ASN A 231 1.73 20.53 -1.63
N ASP A 232 1.89 21.79 -1.28
CA ASP A 232 2.99 22.62 -1.75
C ASP A 232 4.38 22.22 -1.27
N ASP A 233 4.45 21.45 -0.17
CA ASP A 233 5.73 21.01 0.39
C ASP A 233 6.13 19.57 0.05
N VAL A 234 5.31 18.89 -0.74
CA VAL A 234 5.57 17.50 -1.15
C VAL A 234 5.91 17.53 -2.64
N ASP A 235 7.16 17.22 -2.97
CA ASP A 235 7.60 17.23 -4.37
C ASP A 235 6.98 16.14 -5.22
N LEU A 236 6.91 14.93 -4.65
CA LEU A 236 6.36 13.79 -5.35
C LEU A 236 5.33 13.02 -4.54
N ILE A 237 4.16 12.86 -5.13
CA ILE A 237 3.09 12.10 -4.50
C ILE A 237 2.94 10.82 -5.32
N MET A 238 3.21 9.69 -4.69
CA MET A 238 3.10 8.39 -5.33
C MET A 238 1.87 7.68 -4.77
N GLY A 239 1.20 6.91 -5.62
CA GLY A 239 0.02 6.17 -5.19
C GLY A 239 -0.13 4.86 -5.93
N THR A 240 -1.07 4.04 -5.49
CA THR A 240 -1.32 2.74 -6.12
C THR A 240 -2.79 2.63 -6.47
N PHE A 241 -3.10 1.78 -7.44
CA PHE A 241 -4.49 1.57 -7.87
C PHE A 241 -5.02 0.23 -7.35
N SER A 242 -4.15 -0.52 -6.65
CA SER A 242 -4.51 -1.85 -6.15
C SER A 242 -5.26 -1.95 -4.82
N LYS A 243 -5.57 -0.81 -4.20
CA LYS A 243 -6.26 -0.85 -2.91
C LYS A 243 -7.64 -0.18 -2.97
N SER A 244 -7.74 1.10 -2.61
CA SER A 244 -9.05 1.78 -2.69
C SER A 244 -9.56 1.82 -4.14
N LEU A 245 -8.65 2.09 -5.08
CA LEU A 245 -8.99 2.18 -6.49
C LEU A 245 -9.32 0.86 -7.19
N ALA A 246 -9.39 -0.21 -6.39
CA ALA A 246 -9.79 -1.55 -6.83
C ALA A 246 -9.19 -2.15 -8.11
N SER A 247 -7.99 -1.71 -8.50
CA SER A 247 -7.40 -2.21 -9.73
C SER A 247 -5.98 -2.77 -9.58
N LEU A 248 -5.10 -2.35 -10.49
CA LEU A 248 -3.71 -2.78 -10.52
C LEU A 248 -2.94 -1.69 -11.25
N GLY A 249 -1.80 -1.30 -10.67
CA GLY A 249 -0.98 -0.26 -11.26
C GLY A 249 -0.72 0.84 -10.24
N GLY A 250 0.00 1.87 -10.67
CA GLY A 250 0.30 2.98 -9.79
C GLY A 250 0.68 4.23 -10.55
N PHE A 251 1.15 5.25 -9.83
CA PHE A 251 1.54 6.51 -10.45
C PHE A 251 2.39 7.37 -9.55
N VAL A 252 3.03 8.35 -10.16
CA VAL A 252 3.85 9.32 -9.45
C VAL A 252 3.47 10.67 -10.03
N ALA A 253 3.02 11.58 -9.17
CA ALA A 253 2.61 12.90 -9.59
C ALA A 253 3.56 13.96 -9.06
N GLY A 254 3.76 15.02 -9.84
CA GLY A 254 4.65 16.09 -9.44
C GLY A 254 4.71 17.17 -10.49
N ASP A 255 5.80 17.93 -10.48
CA ASP A 255 5.99 19.01 -11.45
C ASP A 255 6.25 18.43 -12.83
N ALA A 256 5.78 19.15 -13.87
CA ALA A 256 5.94 18.73 -15.26
C ALA A 256 7.36 18.38 -15.66
N ASP A 257 8.32 19.21 -15.25
CA ASP A 257 9.72 18.93 -15.59
C ASP A 257 10.29 17.68 -14.92
N VAL A 258 9.88 17.42 -13.69
CA VAL A 258 10.34 16.24 -12.95
C VAL A 258 9.73 14.95 -13.51
N ILE A 259 8.42 14.98 -13.74
CA ILE A 259 7.70 13.81 -14.28
C ILE A 259 8.20 13.49 -15.68
N ASP A 260 8.49 14.52 -16.47
CA ASP A 260 9.01 14.33 -17.82
C ASP A 260 10.37 13.66 -17.73
N PHE A 261 11.14 13.99 -16.69
CA PHE A 261 12.44 13.35 -16.50
C PHE A 261 12.22 11.88 -16.13
N LEU A 262 11.23 11.63 -15.27
CA LEU A 262 10.88 10.27 -14.82
C LEU A 262 10.48 9.41 -16.00
N LYS A 263 9.56 9.94 -16.80
CA LYS A 263 9.04 9.28 -17.99
C LYS A 263 10.12 8.72 -18.88
N HIS A 264 11.23 9.45 -18.99
CA HIS A 264 12.31 9.04 -19.88
C HIS A 264 13.58 8.50 -19.23
N ASN A 265 13.56 8.31 -17.92
CA ASN A 265 14.76 7.80 -17.22
C ASN A 265 14.50 6.64 -16.27
N ALA A 266 13.25 6.50 -15.81
CA ALA A 266 12.90 5.41 -14.89
C ALA A 266 12.73 4.11 -15.66
N ARG A 267 13.61 3.15 -15.38
CA ARG A 267 13.60 1.86 -16.06
C ARG A 267 12.31 1.07 -15.90
N SER A 268 11.67 1.20 -14.73
CA SER A 268 10.43 0.47 -14.47
C SER A 268 9.26 0.90 -15.37
N VAL A 269 9.37 2.06 -16.01
CA VAL A 269 8.31 2.50 -16.92
C VAL A 269 8.79 2.37 -18.37
N MET A 270 10.10 2.52 -18.59
CA MET A 270 10.68 2.42 -19.92
C MET A 270 10.76 1.00 -20.44
N PHE A 271 11.02 0.06 -19.53
CA PHE A 271 11.19 -1.35 -19.88
C PHE A 271 10.14 -2.32 -19.33
N SER A 272 8.90 -1.86 -19.23
CA SER A 272 7.83 -2.70 -18.73
C SER A 272 6.53 -2.35 -19.42
N ALA A 273 5.79 -3.38 -19.84
CA ALA A 273 4.51 -3.21 -20.54
C ALA A 273 3.54 -2.35 -19.75
N SER A 274 2.79 -1.50 -20.45
CA SER A 274 1.84 -0.60 -19.82
C SER A 274 0.65 -1.31 -19.21
N MET A 275 -0.07 -0.62 -18.32
CA MET A 275 -1.23 -1.24 -17.69
C MET A 275 -2.33 -1.53 -18.71
N THR A 276 -2.99 -2.68 -18.52
CA THR A 276 -4.05 -3.10 -19.43
C THR A 276 -5.19 -2.10 -19.49
N PRO A 277 -5.84 -2.00 -20.65
CA PRO A 277 -6.96 -1.08 -20.84
C PRO A 277 -8.04 -1.29 -19.78
N ALA A 278 -8.29 -2.56 -19.44
CA ALA A 278 -9.29 -2.89 -18.43
C ALA A 278 -8.97 -2.21 -17.09
N SER A 279 -7.70 -2.24 -16.67
CA SER A 279 -7.30 -1.63 -15.42
C SER A 279 -7.32 -0.09 -15.45
N VAL A 280 -7.04 0.48 -16.62
CA VAL A 280 -7.07 1.93 -16.77
C VAL A 280 -8.49 2.45 -16.63
N ALA A 281 -9.45 1.81 -17.31
CA ALA A 281 -10.86 2.20 -17.26
C ALA A 281 -11.38 1.97 -15.85
N SER A 282 -10.94 0.84 -15.28
CA SER A 282 -11.30 0.44 -13.93
C SER A 282 -10.87 1.52 -12.94
N THR A 283 -9.63 1.98 -13.07
CA THR A 283 -9.11 3.03 -12.19
C THR A 283 -9.82 4.36 -12.39
N LEU A 284 -10.10 4.69 -13.65
CA LEU A 284 -10.80 5.93 -13.99
C LEU A 284 -12.18 5.97 -13.38
N LYS A 285 -12.93 4.88 -13.53
CA LYS A 285 -14.29 4.82 -12.98
C LYS A 285 -14.30 4.86 -11.46
N ALA A 286 -13.36 4.15 -10.83
CA ALA A 286 -13.27 4.11 -9.38
C ALA A 286 -12.94 5.50 -8.83
N LEU A 287 -12.01 6.20 -9.48
CA LEU A 287 -11.59 7.53 -9.08
C LEU A 287 -12.81 8.46 -9.09
N GLU A 288 -13.55 8.42 -10.18
CA GLU A 288 -14.75 9.23 -10.35
C GLU A 288 -15.73 8.98 -9.20
N ILE A 289 -15.93 7.71 -8.89
CA ILE A 289 -16.83 7.29 -7.81
C ILE A 289 -16.38 7.75 -6.43
N ILE A 290 -15.09 7.63 -6.15
CA ILE A 290 -14.52 8.04 -4.86
C ILE A 290 -14.78 9.52 -4.58
N GLN A 291 -14.72 10.33 -5.63
CA GLN A 291 -14.91 11.78 -5.51
C GLN A 291 -16.37 12.20 -5.47
N ASN A 292 -17.16 11.69 -6.42
CA ASN A 292 -18.56 12.04 -6.56
C ASN A 292 -19.56 11.37 -5.62
N GLU A 293 -19.09 10.38 -4.86
CA GLU A 293 -19.95 9.67 -3.91
C GLU A 293 -19.25 9.56 -2.57
N PRO A 294 -19.39 10.58 -1.71
CA PRO A 294 -18.78 10.62 -0.37
C PRO A 294 -19.21 9.53 0.61
N GLU A 295 -20.28 8.81 0.28
CA GLU A 295 -20.79 7.73 1.15
C GLU A 295 -19.76 6.65 1.46
N HIS A 296 -18.90 6.35 0.50
CA HIS A 296 -17.88 5.31 0.66
C HIS A 296 -16.86 5.62 1.73
N ILE A 297 -16.17 6.75 1.58
CA ILE A 297 -15.16 7.14 2.57
C ILE A 297 -15.80 7.29 3.95
N GLU A 298 -17.02 7.80 3.96
CA GLU A 298 -17.78 8.00 5.19
C GLU A 298 -18.04 6.63 5.83
N LYS A 299 -18.56 5.70 5.04
CA LYS A 299 -18.86 4.34 5.46
C LYS A 299 -17.63 3.61 6.00
N LEU A 300 -16.50 3.79 5.33
CA LEU A 300 -15.23 3.18 5.73
C LEU A 300 -14.85 3.63 7.14
N TRP A 301 -14.94 4.93 7.39
CA TRP A 301 -14.59 5.46 8.69
C TRP A 301 -15.56 5.14 9.82
N LYS A 302 -16.83 4.90 9.47
CA LYS A 302 -17.82 4.52 10.48
C LYS A 302 -17.52 3.10 10.95
N ASN A 303 -17.11 2.24 10.01
CA ASN A 303 -16.78 0.85 10.32
C ASN A 303 -15.48 0.81 11.12
N THR A 304 -14.50 1.63 10.72
CA THR A 304 -13.21 1.71 11.38
C THR A 304 -13.37 2.16 12.83
N ASP A 305 -14.14 3.22 13.05
CA ASP A 305 -14.38 3.75 14.40
C ASP A 305 -15.13 2.74 15.26
N TYR A 306 -16.14 2.10 14.68
CA TYR A 306 -16.95 1.11 15.40
C TYR A 306 -16.12 -0.12 15.79
N ALA A 307 -15.35 -0.65 14.84
CA ALA A 307 -14.50 -1.82 15.09
C ALA A 307 -13.39 -1.51 16.09
N LYS A 308 -12.75 -0.33 15.96
CA LYS A 308 -11.67 0.06 16.86
C LYS A 308 -12.15 0.14 18.30
N ALA A 309 -13.33 0.72 18.50
CA ALA A 309 -13.91 0.86 19.83
C ALA A 309 -14.28 -0.51 20.38
N GLN A 310 -14.93 -1.32 19.54
CA GLN A 310 -15.37 -2.66 19.93
C GLN A 310 -14.19 -3.52 20.38
N LEU A 311 -13.06 -3.38 19.68
CA LEU A 311 -11.84 -4.12 20.00
C LEU A 311 -11.21 -3.66 21.30
N LEU A 312 -11.19 -2.35 21.55
CA LEU A 312 -10.61 -1.81 22.78
C LEU A 312 -11.42 -2.18 24.03
N ASP A 313 -12.73 -2.34 23.86
CA ASP A 313 -13.59 -2.72 24.98
C ASP A 313 -13.40 -4.18 25.36
N HIS A 314 -12.99 -5.00 24.39
CA HIS A 314 -12.73 -6.41 24.64
C HIS A 314 -11.33 -6.67 25.18
N GLY A 315 -10.60 -5.58 25.43
CA GLY A 315 -9.26 -5.70 25.99
C GLY A 315 -8.09 -5.92 25.05
N PHE A 316 -8.34 -5.93 23.74
CA PHE A 316 -7.29 -6.13 22.75
C PHE A 316 -6.28 -4.97 22.75
N ASP A 317 -5.01 -5.31 22.61
CA ASP A 317 -3.96 -4.29 22.56
C ASP A 317 -3.72 -3.87 21.11
N LEU A 318 -4.35 -2.77 20.72
CA LEU A 318 -4.22 -2.24 19.37
C LEU A 318 -2.98 -1.37 19.24
N GLY A 319 -2.44 -1.30 18.04
CA GLY A 319 -1.27 -0.48 17.80
C GLY A 319 -1.69 0.97 17.65
N ALA A 320 -0.71 1.87 17.54
CA ALA A 320 -0.98 3.30 17.39
C ALA A 320 -1.52 3.67 16.00
N THR A 321 -2.59 2.99 15.59
CA THR A 321 -3.21 3.21 14.28
C THR A 321 -4.07 4.47 14.18
N GLU A 322 -4.10 5.04 12.97
CA GLU A 322 -4.89 6.23 12.67
C GLU A 322 -5.55 6.00 11.30
N SER A 323 -5.87 4.75 11.02
CA SER A 323 -6.46 4.37 9.73
C SER A 323 -7.31 3.11 9.86
N PRO A 324 -7.86 2.61 8.74
CA PRO A 324 -8.69 1.39 8.73
C PRO A 324 -7.88 0.12 8.96
N ILE A 325 -6.58 0.28 9.26
CA ILE A 325 -5.70 -0.85 9.52
C ILE A 325 -5.58 -0.98 11.03
N LEU A 326 -6.26 -1.97 11.59
CA LEU A 326 -6.25 -2.20 13.03
C LEU A 326 -5.31 -3.35 13.41
N PRO A 327 -4.09 -3.03 13.87
CA PRO A 327 -3.11 -4.03 14.26
C PRO A 327 -3.34 -4.58 15.66
N ILE A 328 -3.72 -5.85 15.75
CA ILE A 328 -3.96 -6.50 17.03
C ILE A 328 -2.70 -7.26 17.43
N PHE A 329 -1.99 -6.76 18.43
CA PHE A 329 -0.75 -7.39 18.90
C PHE A 329 -0.95 -8.77 19.53
N ILE A 330 0.01 -9.66 19.30
CA ILE A 330 -0.04 -11.02 19.84
C ILE A 330 1.26 -11.33 20.60
N ARG A 331 2.38 -10.82 20.10
CA ARG A 331 3.70 -11.00 20.72
C ARG A 331 4.19 -12.44 20.86
N SER A 332 4.08 -13.18 19.77
CA SER A 332 4.50 -14.58 19.71
C SER A 332 4.26 -15.08 18.29
N ASN A 333 5.34 -15.47 17.61
CA ASN A 333 5.23 -15.96 16.24
C ASN A 333 4.32 -17.19 16.14
N GLU A 334 4.56 -18.17 16.99
CA GLU A 334 3.76 -19.41 17.01
C GLU A 334 2.28 -19.13 17.24
N LYS A 335 1.99 -18.29 18.25
CA LYS A 335 0.62 -17.95 18.60
C LYS A 335 -0.03 -17.17 17.47
N THR A 336 0.71 -16.27 16.83
CA THR A 336 0.20 -15.48 15.72
C THR A 336 -0.24 -16.40 14.58
N PHE A 337 0.57 -17.40 14.25
CA PHE A 337 0.25 -18.36 13.19
C PHE A 337 -0.97 -19.19 13.59
N TRP A 338 -0.99 -19.63 14.85
CA TRP A 338 -2.08 -20.44 15.38
C TRP A 338 -3.41 -19.68 15.34
N VAL A 339 -3.38 -18.42 15.78
CA VAL A 339 -4.58 -17.58 15.79
C VAL A 339 -5.13 -17.41 14.37
N THR A 340 -4.22 -17.14 13.44
CA THR A 340 -4.55 -16.95 12.04
C THR A 340 -5.26 -18.17 11.47
N LYS A 341 -4.67 -19.34 11.69
CA LYS A 341 -5.25 -20.58 11.16
C LYS A 341 -6.59 -20.91 11.81
N MET A 342 -6.67 -20.75 13.13
CA MET A 342 -7.90 -21.02 13.86
C MET A 342 -9.03 -20.09 13.41
N LEU A 343 -8.71 -18.82 13.19
CA LEU A 343 -9.70 -17.86 12.73
C LEU A 343 -10.14 -18.24 11.32
N GLN A 344 -9.19 -18.69 10.52
CA GLN A 344 -9.46 -19.13 9.15
C GLN A 344 -10.43 -20.32 9.20
N ASP A 345 -10.18 -21.24 10.13
CA ASP A 345 -11.03 -22.42 10.28
C ASP A 345 -12.43 -22.00 10.75
N ASP A 346 -12.50 -20.92 11.52
CA ASP A 346 -13.77 -20.41 12.03
C ASP A 346 -14.43 -19.40 11.08
N GLY A 347 -13.98 -19.35 9.83
CA GLY A 347 -14.55 -18.45 8.85
C GLY A 347 -14.20 -16.97 8.94
N VAL A 348 -13.04 -16.64 9.53
CA VAL A 348 -12.58 -15.25 9.63
C VAL A 348 -11.18 -15.13 9.04
N PHE A 349 -11.03 -14.26 8.04
CA PHE A 349 -9.74 -14.07 7.36
C PHE A 349 -8.96 -12.84 7.84
N VAL A 350 -7.81 -13.08 8.48
CA VAL A 350 -6.96 -11.97 8.94
C VAL A 350 -5.51 -12.21 8.50
N ASN A 351 -4.73 -11.13 8.41
CA ASN A 351 -3.34 -11.21 7.99
C ASN A 351 -2.33 -11.24 9.13
N PRO A 352 -1.41 -12.21 9.11
CA PRO A 352 -0.39 -12.33 10.17
C PRO A 352 0.89 -11.54 9.86
N VAL A 353 1.48 -10.96 10.90
CA VAL A 353 2.72 -10.20 10.76
C VAL A 353 3.69 -10.83 11.75
N VAL A 354 4.69 -11.53 11.24
CA VAL A 354 5.66 -12.25 12.07
C VAL A 354 7.12 -12.06 11.66
N SER A 355 8.01 -12.78 12.35
CA SER A 355 9.45 -12.74 12.06
C SER A 355 9.68 -13.55 10.77
N PRO A 356 10.70 -13.17 9.97
CA PRO A 356 11.65 -12.07 10.17
C PRO A 356 11.22 -10.67 9.71
N ALA A 357 9.92 -10.44 9.57
CA ALA A 357 9.44 -9.12 9.15
C ALA A 357 9.47 -8.14 10.33
N VAL A 358 9.30 -8.68 11.53
CA VAL A 358 9.32 -7.93 12.78
C VAL A 358 9.73 -8.88 13.91
N PRO A 359 10.32 -8.34 15.00
CA PRO A 359 10.74 -9.20 16.11
C PRO A 359 9.52 -9.89 16.74
N ALA A 360 9.73 -11.09 17.27
CA ALA A 360 8.66 -11.89 17.87
C ALA A 360 7.75 -11.16 18.86
N GLU A 361 8.28 -10.17 19.57
CA GLU A 361 7.49 -9.42 20.55
C GLU A 361 6.60 -8.38 19.89
N GLU A 362 6.84 -8.11 18.61
CA GLU A 362 6.05 -7.14 17.86
C GLU A 362 5.18 -7.81 16.80
N SER A 363 4.99 -9.12 16.93
CA SER A 363 4.17 -9.89 15.98
C SER A 363 2.69 -9.64 16.23
N LEU A 364 1.91 -9.53 15.15
CA LEU A 364 0.49 -9.25 15.26
C LEU A 364 -0.35 -9.69 14.07
N ILE A 365 -1.67 -9.51 14.20
CA ILE A 365 -2.58 -9.82 13.10
C ILE A 365 -3.19 -8.49 12.65
N ARG A 366 -3.26 -8.29 11.34
CA ARG A 366 -3.83 -7.06 10.79
C ARG A 366 -5.28 -7.27 10.45
N PHE A 367 -6.13 -6.49 11.12
CA PHE A 367 -7.58 -6.53 10.91
C PHE A 367 -7.88 -5.29 10.07
N SER A 368 -8.41 -5.48 8.87
CA SER A 368 -8.69 -4.34 7.99
C SER A 368 -10.15 -4.12 7.60
N LEU A 369 -10.58 -2.87 7.64
CA LEU A 369 -11.96 -2.55 7.31
C LEU A 369 -12.20 -2.14 5.86
N MET A 370 -13.41 -2.42 5.38
CA MET A 370 -13.85 -2.08 4.05
C MET A 370 -15.16 -1.29 4.21
N ALA A 371 -15.39 -0.32 3.35
CA ALA A 371 -16.62 0.48 3.40
C ALA A 371 -17.87 -0.39 3.36
N THR A 372 -17.80 -1.47 2.57
CA THR A 372 -18.92 -2.39 2.42
C THR A 372 -19.19 -3.33 3.61
N HIS A 373 -18.31 -3.32 4.61
CA HIS A 373 -18.51 -4.17 5.79
C HIS A 373 -19.76 -3.72 6.56
N THR A 374 -20.39 -4.66 7.26
CA THR A 374 -21.57 -4.35 8.06
C THR A 374 -21.22 -4.50 9.55
N TYR A 375 -21.99 -3.86 10.42
CA TYR A 375 -21.77 -3.95 11.85
C TYR A 375 -21.89 -5.41 12.31
N ASP A 376 -22.74 -6.17 11.65
CA ASP A 376 -22.94 -7.59 11.97
C ASP A 376 -21.68 -8.39 11.69
N GLN A 377 -21.10 -8.21 10.50
CA GLN A 377 -19.88 -8.91 10.11
C GLN A 377 -18.75 -8.62 11.07
N ILE A 378 -18.61 -7.35 11.43
CA ILE A 378 -17.58 -6.91 12.36
C ILE A 378 -17.78 -7.58 13.72
N ASP A 379 -19.04 -7.58 14.18
CA ASP A 379 -19.37 -8.20 15.46
C ASP A 379 -19.03 -9.69 15.43
N GLU A 380 -19.44 -10.38 14.37
CA GLU A 380 -19.15 -11.82 14.22
C GLU A 380 -17.65 -12.12 14.23
N ALA A 381 -16.88 -11.30 13.52
CA ALA A 381 -15.43 -11.47 13.44
C ALA A 381 -14.78 -11.30 14.81
N ILE A 382 -15.07 -10.17 15.46
CA ILE A 382 -14.53 -9.86 16.78
C ILE A 382 -14.95 -10.89 17.82
N GLU A 383 -16.20 -11.36 17.72
CA GLU A 383 -16.75 -12.36 18.62
C GLU A 383 -15.91 -13.64 18.54
N LYS A 384 -15.54 -14.02 17.32
CA LYS A 384 -14.74 -15.22 17.09
C LYS A 384 -13.27 -14.99 17.46
N MET A 385 -12.80 -13.75 17.35
CA MET A 385 -11.41 -13.44 17.70
C MET A 385 -11.20 -13.56 19.20
N VAL A 386 -12.22 -13.19 19.98
CA VAL A 386 -12.15 -13.26 21.44
C VAL A 386 -12.05 -14.74 21.84
N LYS A 387 -12.88 -15.56 21.23
CA LYS A 387 -12.91 -17.00 21.48
C LYS A 387 -11.55 -17.64 21.17
N VAL A 388 -11.02 -17.34 19.98
CA VAL A 388 -9.74 -17.88 19.53
C VAL A 388 -8.56 -17.39 20.39
N PHE A 389 -8.59 -16.12 20.80
CA PHE A 389 -7.52 -15.58 21.65
C PHE A 389 -7.57 -16.26 23.02
N LYS A 390 -8.76 -16.71 23.41
CA LYS A 390 -8.98 -17.40 24.68
C LYS A 390 -8.32 -18.77 24.61
N GLN A 391 -8.61 -19.50 23.52
CA GLN A 391 -8.08 -20.84 23.30
C GLN A 391 -6.55 -20.87 23.26
N ALA A 392 -5.94 -19.79 22.80
CA ALA A 392 -4.49 -19.69 22.72
C ALA A 392 -3.86 -19.30 24.06
#